data_8AGF
#
_entry.id   8AGF
#
_cell.length_a   41.930
_cell.length_b   48.543
_cell.length_c   152.501
_cell.angle_alpha   90.000
_cell.angle_beta   96.369
_cell.angle_gamma   90.000
#
_symmetry.space_group_name_H-M   'I 1 2 1'
#
_entity_poly.entity_id   1
_entity_poly.type   'polypeptide(L)'
_entity_poly.pdbx_seq_one_letter_code
;VLYRALVSTKWLAESIRTGKLGPGLRVLDASWYSPGTREARKEYLERHVPGASFFDIEECRDTASPYEMMLPSEAGFAEY
VGRLGISNHTHVVVYDGEHLGSFYAPRVWWMFRVFGHRTVSVLNGGFRNWLKEGHPVTSEPSRPEPAVFKATLDRSLLKT
YEQVLENLESKRFQLVDSRSQGRFLGTEPEPDAVGLDSGHIRGAVNMPFMDFLTEDGFEKGPEELRALFQTKKVDLSQPL
IATCRKGVTACHVALAAYLCGKPDVAVYDGSWSEWFRRAPPESRVSQGKS
;
_entity_poly.pdbx_strand_id   A
#
# COMPACT_ATOMS: atom_id res chain seq x y z
N VAL A 1 -0.39 -17.90 -11.05
CA VAL A 1 -1.74 -17.60 -11.62
C VAL A 1 -2.42 -16.52 -10.76
N LEU A 2 -2.23 -15.26 -11.17
CA LEU A 2 -2.51 -14.05 -10.37
C LEU A 2 -4.03 -13.86 -10.25
N TYR A 3 -4.51 -13.58 -9.05
CA TYR A 3 -5.94 -13.31 -8.75
C TYR A 3 -6.27 -11.86 -9.14
N ARG A 4 -7.56 -11.48 -9.24
CA ARG A 4 -7.98 -10.06 -9.44
C ARG A 4 -7.33 -9.20 -8.37
N ALA A 5 -6.46 -8.27 -8.79
CA ALA A 5 -5.80 -7.26 -7.92
C ALA A 5 -6.66 -6.01 -7.84
N LEU A 6 -7.44 -5.74 -8.89
CA LEU A 6 -8.35 -4.58 -8.98
C LEU A 6 -9.76 -5.12 -9.14
N VAL A 7 -10.73 -4.37 -8.62
CA VAL A 7 -12.17 -4.54 -8.95
C VAL A 7 -12.73 -3.15 -9.22
N SER A 8 -13.71 -3.08 -10.14
CA SER A 8 -14.44 -1.84 -10.53
C SER A 8 -15.49 -1.53 -9.46
N THR A 9 -15.82 -0.24 -9.34
CA THR A 9 -16.93 0.26 -8.49
C THR A 9 -18.23 -0.40 -8.94
N LYS A 10 -18.46 -0.45 -10.26
CA LYS A 10 -19.62 -1.12 -10.88
C LYS A 10 -19.71 -2.56 -10.36
N TRP A 11 -18.58 -3.27 -10.37
CA TRP A 11 -18.55 -4.65 -9.85
C TRP A 11 -18.90 -4.61 -8.37
N LEU A 12 -18.20 -3.80 -7.58
CA LEU A 12 -18.44 -3.77 -6.11
C LEU A 12 -19.90 -3.39 -5.86
N ALA A 13 -20.37 -2.30 -6.46
CA ALA A 13 -21.79 -1.87 -6.42
C ALA A 13 -22.71 -3.08 -6.60
N GLU A 14 -22.69 -3.69 -7.78
CA GLU A 14 -23.56 -4.85 -8.12
C GLU A 14 -23.42 -5.91 -7.04
N SER A 15 -22.21 -6.13 -6.51
CA SER A 15 -21.90 -7.10 -5.43
C SER A 15 -22.62 -6.67 -4.15
N ILE A 16 -22.42 -5.43 -3.74
CA ILE A 16 -23.10 -4.84 -2.54
C ILE A 16 -24.60 -5.00 -2.75
N ARG A 17 -25.10 -4.49 -3.86
CA ARG A 17 -26.56 -4.44 -4.19
C ARG A 17 -27.14 -5.85 -4.22
N THR A 18 -26.35 -6.88 -3.87
CA THR A 18 -26.73 -8.31 -3.99
C THR A 18 -26.44 -9.06 -2.70
N GLY A 19 -26.16 -8.33 -1.62
CA GLY A 19 -25.81 -8.88 -0.29
C GLY A 19 -24.78 -9.99 -0.41
N LYS A 20 -23.80 -9.81 -1.32
CA LYS A 20 -22.67 -10.74 -1.51
C LYS A 20 -21.63 -10.45 -0.44
N LEU A 21 -21.74 -9.27 0.18
CA LEU A 21 -20.81 -8.89 1.27
C LEU A 21 -21.10 -9.76 2.48
N GLY A 22 -20.07 -10.09 3.24
CA GLY A 22 -20.18 -11.03 4.37
C GLY A 22 -18.96 -11.93 4.41
N PRO A 23 -19.05 -13.14 5.02
CA PRO A 23 -17.89 -14.02 5.17
C PRO A 23 -17.19 -14.43 3.85
N GLY A 24 -17.86 -14.25 2.70
CA GLY A 24 -17.33 -14.53 1.35
C GLY A 24 -16.69 -13.31 0.70
N LEU A 25 -17.20 -12.12 1.05
CA LEU A 25 -16.78 -10.78 0.52
C LEU A 25 -16.81 -9.74 1.64
N ARG A 26 -15.66 -9.13 1.92
CA ARG A 26 -15.44 -8.16 3.00
C ARG A 26 -14.75 -6.91 2.45
N VAL A 27 -15.30 -5.74 2.75
CA VAL A 27 -14.79 -4.45 2.23
C VAL A 27 -14.10 -3.69 3.36
N LEU A 28 -13.02 -2.99 3.02
CA LEU A 28 -12.17 -2.25 3.99
C LEU A 28 -11.92 -0.84 3.45
N ASP A 29 -12.06 0.15 4.32
CA ASP A 29 -11.60 1.54 4.11
C ASP A 29 -10.29 1.66 4.89
N ALA A 30 -9.15 1.75 4.18
CA ALA A 30 -7.81 1.84 4.82
C ALA A 30 -7.41 3.31 5.05
N SER A 31 -8.20 4.26 4.53
CA SER A 31 -7.91 5.72 4.53
C SER A 31 -7.13 6.11 5.80
N TRP A 32 -6.00 6.77 5.58
CA TRP A 32 -5.21 7.49 6.60
C TRP A 32 -4.67 8.79 5.97
N TYR A 33 -4.57 9.84 6.78
CA TYR A 33 -4.19 11.22 6.38
C TYR A 33 -3.36 11.86 7.49
N SER A 34 -2.38 12.64 7.07
CA SER A 34 -1.43 13.43 7.91
C SER A 34 -2.19 14.26 8.94
N PRO A 35 -1.78 14.22 10.23
CA PRO A 35 -2.57 14.85 11.30
C PRO A 35 -2.94 16.30 10.95
N GLY A 36 -4.19 16.70 11.14
CA GLY A 36 -4.63 18.10 10.96
C GLY A 36 -5.16 18.38 9.56
N THR A 37 -5.16 17.37 8.69
CA THR A 37 -5.64 17.46 7.29
C THR A 37 -7.09 16.95 7.22
N ARG A 38 -7.22 15.64 7.02
CA ARG A 38 -8.51 14.89 6.95
C ARG A 38 -8.59 13.96 8.16
N GLU A 39 -9.74 13.32 8.39
CA GLU A 39 -9.92 12.25 9.41
C GLU A 39 -10.75 11.10 8.83
N ALA A 40 -10.07 10.00 8.46
CA ALA A 40 -10.62 8.82 7.74
C ALA A 40 -11.64 8.10 8.61
N ARG A 41 -11.27 7.83 9.86
CA ARG A 41 -12.16 7.14 10.84
C ARG A 41 -13.49 7.89 10.86
N LYS A 42 -13.46 9.21 11.10
CA LYS A 42 -14.66 10.08 11.03
C LYS A 42 -15.33 9.89 9.67
N GLU A 43 -14.63 10.27 8.58
CA GLU A 43 -15.14 10.27 7.17
C GLU A 43 -15.72 8.89 6.84
N TYR A 44 -15.05 7.83 7.32
CA TYR A 44 -15.54 6.43 7.19
C TYR A 44 -16.91 6.31 7.86
N LEU A 45 -17.00 6.74 9.12
CA LEU A 45 -18.18 6.57 10.02
C LEU A 45 -19.37 7.34 9.45
N GLU A 46 -19.11 8.46 8.76
CA GLU A 46 -20.12 9.36 8.14
C GLU A 46 -20.68 8.75 6.84
N ARG A 47 -19.79 8.34 5.91
CA ARG A 47 -20.17 7.48 4.74
C ARG A 47 -19.05 6.48 4.43
N HIS A 48 -19.46 5.23 4.19
CA HIS A 48 -18.59 4.07 3.85
C HIS A 48 -19.37 3.11 2.95
N VAL A 49 -18.68 2.25 2.20
CA VAL A 49 -19.37 1.28 1.29
C VAL A 49 -20.30 0.43 2.14
N PRO A 50 -21.61 0.38 1.81
CA PRO A 50 -22.55 -0.43 2.57
C PRO A 50 -21.91 -1.77 2.99
N GLY A 51 -21.72 -1.90 4.30
CA GLY A 51 -21.14 -3.10 4.94
C GLY A 51 -19.63 -3.02 4.96
N ALA A 52 -19.06 -1.82 4.87
CA ALA A 52 -17.59 -1.62 4.93
C ALA A 52 -17.16 -1.54 6.40
N SER A 53 -16.07 -2.20 6.75
CA SER A 53 -15.33 -2.00 8.01
C SER A 53 -14.11 -1.12 7.69
N PHE A 54 -13.69 -0.34 8.67
CA PHE A 54 -12.57 0.62 8.57
C PHE A 54 -11.28 -0.10 8.96
N PHE A 55 -10.33 -0.25 8.04
CA PHE A 55 -8.98 -0.76 8.36
C PHE A 55 -8.17 0.41 8.95
N ASP A 56 -7.80 0.28 10.22
CA ASP A 56 -6.97 1.28 10.92
C ASP A 56 -5.52 0.78 10.91
N ILE A 57 -4.62 1.59 10.36
CA ILE A 57 -3.20 1.17 10.15
C ILE A 57 -2.41 1.47 11.42
N GLU A 58 -2.87 2.43 12.22
CA GLU A 58 -2.25 2.76 13.52
C GLU A 58 -2.40 1.56 14.48
N GLU A 59 -3.46 0.74 14.33
CA GLU A 59 -3.76 -0.37 15.26
C GLU A 59 -3.19 -1.69 14.74
N CYS A 60 -3.19 -1.88 13.41
CA CYS A 60 -2.58 -3.06 12.73
C CYS A 60 -1.18 -2.68 12.22
N ARG A 61 -0.20 -2.73 13.12
CA ARG A 61 1.22 -2.39 12.88
C ARG A 61 2.06 -2.77 14.09
N ASP A 62 3.38 -2.70 13.97
CA ASP A 62 4.27 -3.13 15.07
C ASP A 62 4.63 -1.89 15.88
N THR A 63 3.88 -1.68 16.95
CA THR A 63 3.88 -0.45 17.79
C THR A 63 5.13 -0.43 18.67
N ALA A 64 5.63 -1.60 19.10
CA ALA A 64 6.89 -1.76 19.85
C ALA A 64 7.97 -0.99 19.08
N SER A 65 8.00 -1.17 17.76
CA SER A 65 9.00 -0.62 16.81
C SER A 65 9.19 0.88 17.02
N PRO A 66 10.34 1.47 16.61
CA PRO A 66 10.48 2.92 16.55
C PRO A 66 10.58 3.48 15.12
N TYR A 67 9.99 2.80 14.12
CA TYR A 67 9.99 3.24 12.69
C TYR A 67 8.55 3.27 12.18
N GLU A 68 8.28 4.07 11.16
CA GLU A 68 6.92 4.26 10.61
C GLU A 68 6.57 3.07 9.72
N MET A 69 5.36 2.56 9.95
CA MET A 69 4.66 1.49 9.17
C MET A 69 5.52 0.25 9.17
N MET A 70 5.52 -0.40 10.33
CA MET A 70 6.11 -1.72 10.52
C MET A 70 4.97 -2.71 10.55
N LEU A 71 5.20 -3.89 10.02
CA LEU A 71 4.21 -4.99 10.04
C LEU A 71 4.03 -5.47 11.47
N PRO A 72 2.79 -5.82 11.84
CA PRO A 72 2.53 -6.46 13.14
C PRO A 72 3.04 -7.90 13.08
N SER A 73 2.96 -8.61 14.19
CA SER A 73 3.15 -10.08 14.24
C SER A 73 2.07 -10.71 13.36
N GLU A 74 2.36 -11.83 12.69
CA GLU A 74 1.37 -12.70 12.02
C GLU A 74 0.13 -12.79 12.92
N ALA A 75 0.38 -12.86 14.24
CA ALA A 75 -0.57 -12.82 15.37
C ALA A 75 -1.40 -11.53 15.33
N GLY A 76 -0.76 -10.38 15.57
CA GLY A 76 -1.42 -9.05 15.58
C GLY A 76 -2.34 -8.85 14.38
N PHE A 77 -1.89 -9.30 13.21
CA PHE A 77 -2.63 -9.27 11.92
C PHE A 77 -3.85 -10.20 12.04
N ALA A 78 -3.60 -11.51 12.16
CA ALA A 78 -4.62 -12.59 12.23
C ALA A 78 -5.71 -12.22 13.23
N GLU A 79 -5.34 -11.71 14.42
CA GLU A 79 -6.29 -11.29 15.47
C GLU A 79 -7.18 -10.16 14.96
N TYR A 80 -6.58 -9.22 14.23
CA TYR A 80 -7.22 -7.97 13.73
C TYR A 80 -8.19 -8.31 12.60
N VAL A 81 -7.70 -8.82 11.47
CA VAL A 81 -8.54 -9.18 10.27
C VAL A 81 -9.53 -10.28 10.71
N GLY A 82 -9.18 -11.03 11.76
CA GLY A 82 -10.13 -11.87 12.49
C GLY A 82 -11.36 -11.05 12.84
N ARG A 83 -11.18 -10.05 13.71
CA ARG A 83 -12.29 -9.27 14.35
C ARG A 83 -13.06 -8.47 13.28
N LEU A 84 -12.48 -8.32 12.07
CA LEU A 84 -13.17 -7.78 10.87
C LEU A 84 -13.78 -8.93 10.07
N GLY A 85 -14.12 -10.03 10.76
CA GLY A 85 -14.80 -11.21 10.18
C GLY A 85 -14.18 -11.64 8.87
N ILE A 86 -12.85 -11.80 8.84
CA ILE A 86 -12.12 -12.27 7.61
C ILE A 86 -11.32 -13.53 7.93
N SER A 87 -11.84 -14.68 7.48
CA SER A 87 -11.14 -15.96 7.34
C SER A 87 -10.18 -15.87 6.17
N ASN A 88 -9.56 -17.01 5.84
CA ASN A 88 -8.60 -17.14 4.71
C ASN A 88 -9.37 -17.60 3.49
N HIS A 89 -10.61 -18.07 3.63
CA HIS A 89 -11.47 -18.44 2.48
C HIS A 89 -12.13 -17.17 1.91
N THR A 90 -12.11 -16.04 2.61
CA THR A 90 -12.85 -14.83 2.16
C THR A 90 -12.09 -14.09 1.05
N HIS A 91 -12.80 -13.22 0.33
CA HIS A 91 -12.20 -12.26 -0.64
C HIS A 91 -12.28 -10.84 -0.07
N VAL A 92 -11.13 -10.16 -0.03
CA VAL A 92 -10.95 -8.82 0.59
C VAL A 92 -10.90 -7.76 -0.51
N VAL A 93 -11.77 -6.73 -0.42
CA VAL A 93 -11.77 -5.56 -1.35
C VAL A 93 -11.44 -4.30 -0.55
N VAL A 94 -10.26 -3.71 -0.84
CA VAL A 94 -9.64 -2.58 -0.08
C VAL A 94 -9.83 -1.29 -0.86
N TYR A 95 -10.29 -0.23 -0.19
CA TYR A 95 -10.35 1.15 -0.73
C TYR A 95 -9.80 2.14 0.29
N ASP A 96 -9.46 3.33 -0.21
CA ASP A 96 -9.39 4.59 0.58
C ASP A 96 -9.96 5.72 -0.29
N GLY A 97 -10.60 6.69 0.38
CA GLY A 97 -11.10 7.93 -0.25
C GLY A 97 -10.03 9.00 -0.29
N GLU A 98 -8.78 8.62 -0.60
CA GLU A 98 -7.70 9.57 -0.95
C GLU A 98 -8.06 10.17 -2.31
N HIS A 99 -7.79 11.48 -2.43
CA HIS A 99 -8.07 12.38 -3.59
C HIS A 99 -7.51 11.84 -4.89
N LEU A 100 -6.26 11.39 -4.85
CA LEU A 100 -5.46 10.91 -6.01
C LEU A 100 -6.23 9.76 -6.66
N GLY A 101 -6.90 8.95 -5.84
CA GLY A 101 -7.59 7.70 -6.21
C GLY A 101 -7.21 6.54 -5.30
N SER A 102 -6.06 6.64 -4.60
CA SER A 102 -5.53 5.58 -3.71
C SER A 102 -4.19 6.01 -3.11
N PHE A 103 -3.86 5.44 -1.94
CA PHE A 103 -2.65 5.80 -1.14
C PHE A 103 -2.29 4.66 -0.18
N TYR A 104 -3.24 4.22 0.65
CA TYR A 104 -2.99 3.20 1.69
C TYR A 104 -3.43 1.81 1.23
N ALA A 105 -4.54 1.71 0.49
CA ALA A 105 -5.21 0.45 0.12
C ALA A 105 -4.20 -0.57 -0.41
N PRO A 106 -3.31 -0.17 -1.35
CA PRO A 106 -2.21 -1.03 -1.79
C PRO A 106 -1.26 -1.48 -0.67
N ARG A 107 -0.97 -0.62 0.31
CA ARG A 107 -0.25 -1.06 1.54
C ARG A 107 -0.94 -2.29 2.10
N VAL A 108 -2.27 -2.25 2.13
CA VAL A 108 -3.12 -3.26 2.81
C VAL A 108 -3.24 -4.47 1.88
N TRP A 109 -3.69 -4.28 0.63
CA TRP A 109 -3.61 -5.33 -0.42
C TRP A 109 -2.34 -6.16 -0.22
N TRP A 110 -1.18 -5.51 -0.13
CA TRP A 110 0.14 -6.11 0.12
C TRP A 110 0.12 -6.88 1.45
N MET A 111 0.12 -6.17 2.58
CA MET A 111 0.02 -6.77 3.95
C MET A 111 -0.77 -8.08 3.86
N PHE A 112 -1.98 -8.03 3.32
CA PHE A 112 -2.86 -9.22 3.17
C PHE A 112 -2.11 -10.31 2.40
N ARG A 113 -1.45 -9.95 1.28
CA ARG A 113 -0.61 -10.88 0.47
C ARG A 113 0.59 -11.39 1.29
N VAL A 114 1.41 -10.48 1.83
CA VAL A 114 2.67 -10.86 2.55
C VAL A 114 2.32 -11.76 3.74
N PHE A 115 1.03 -11.89 4.08
CA PHE A 115 0.57 -12.76 5.19
C PHE A 115 -0.11 -14.00 4.60
N GLY A 116 0.22 -14.33 3.35
CA GLY A 116 -0.24 -15.56 2.68
C GLY A 116 -1.75 -15.56 2.46
N HIS A 117 -2.25 -14.53 1.76
CA HIS A 117 -3.66 -14.35 1.35
C HIS A 117 -3.75 -13.69 -0.03
N ARG A 118 -4.32 -14.41 -0.99
CA ARG A 118 -4.15 -14.13 -2.44
C ARG A 118 -5.48 -13.64 -3.02
N THR A 119 -6.61 -13.86 -2.35
CA THR A 119 -7.90 -13.20 -2.70
C THR A 119 -7.96 -11.88 -1.92
N VAL A 120 -7.23 -10.88 -2.38
CA VAL A 120 -7.41 -9.46 -2.01
C VAL A 120 -7.29 -8.64 -3.30
N SER A 121 -8.16 -7.64 -3.49
CA SER A 121 -8.08 -6.68 -4.62
C SER A 121 -8.26 -5.26 -4.10
N VAL A 122 -7.58 -4.29 -4.68
CA VAL A 122 -7.87 -2.84 -4.46
C VAL A 122 -9.11 -2.48 -5.28
N LEU A 123 -9.97 -1.66 -4.72
CA LEU A 123 -11.15 -1.10 -5.44
C LEU A 123 -10.66 0.13 -6.23
N ASN A 124 -10.80 0.04 -7.56
CA ASN A 124 -10.12 0.87 -8.60
C ASN A 124 -10.87 2.20 -8.79
N GLY A 125 -10.15 3.30 -8.53
CA GLY A 125 -10.69 4.67 -8.51
C GLY A 125 -11.09 5.08 -7.10
N GLY A 126 -10.67 4.30 -6.09
CA GLY A 126 -10.88 4.58 -4.65
C GLY A 126 -12.33 4.90 -4.29
N PHE A 127 -12.58 5.36 -3.07
CA PHE A 127 -13.93 5.78 -2.59
C PHE A 127 -14.37 6.95 -3.46
N ARG A 128 -13.41 7.82 -3.77
CA ARG A 128 -13.52 8.94 -4.75
C ARG A 128 -14.53 8.61 -5.85
N ASN A 129 -14.22 7.69 -6.75
CA ASN A 129 -15.09 7.33 -7.90
C ASN A 129 -16.36 6.59 -7.40
N TRP A 130 -16.28 5.85 -6.29
CA TRP A 130 -17.47 5.23 -5.64
C TRP A 130 -18.55 6.32 -5.49
N LEU A 131 -18.16 7.49 -4.95
CA LEU A 131 -19.02 8.68 -4.75
C LEU A 131 -19.31 9.32 -6.10
N LYS A 132 -18.28 9.53 -6.91
CA LYS A 132 -18.38 10.26 -8.20
C LYS A 132 -19.55 9.68 -9.02
N GLU A 133 -19.95 8.42 -8.81
CA GLU A 133 -21.16 7.79 -9.42
C GLU A 133 -22.27 7.59 -8.38
N GLY A 134 -22.09 8.11 -7.17
CA GLY A 134 -23.09 8.10 -6.08
C GLY A 134 -23.46 6.70 -5.63
N HIS A 135 -22.58 5.71 -5.83
CA HIS A 135 -22.81 4.32 -5.39
C HIS A 135 -23.20 4.41 -3.92
N PRO A 136 -24.28 3.70 -3.52
CA PRO A 136 -24.83 3.89 -2.18
C PRO A 136 -23.68 3.86 -1.17
N VAL A 137 -23.64 4.89 -0.31
CA VAL A 137 -22.82 4.98 0.93
C VAL A 137 -23.79 4.97 2.12
N THR A 138 -23.29 4.64 3.30
CA THR A 138 -24.08 4.61 4.56
C THR A 138 -23.25 5.06 5.76
N SER A 139 -23.96 5.54 6.79
CA SER A 139 -23.46 5.76 8.18
C SER A 139 -23.75 4.51 9.04
N GLU A 140 -24.58 3.58 8.55
CA GLU A 140 -25.11 2.40 9.31
C GLU A 140 -23.94 1.51 9.70
N PRO A 141 -23.81 1.10 10.99
CA PRO A 141 -22.62 0.39 11.46
C PRO A 141 -22.54 -1.05 10.91
N SER A 142 -21.49 -1.30 10.10
CA SER A 142 -21.06 -2.64 9.60
C SER A 142 -20.54 -3.44 10.80
N ARG A 143 -21.06 -4.64 11.05
CA ARG A 143 -20.77 -5.38 12.30
C ARG A 143 -20.62 -6.87 11.98
N PRO A 144 -19.44 -7.26 11.47
CA PRO A 144 -19.24 -8.59 10.91
C PRO A 144 -18.91 -9.62 12.00
N GLU A 145 -19.61 -10.77 12.02
CA GLU A 145 -19.30 -11.85 12.99
C GLU A 145 -17.81 -12.16 12.81
N PRO A 146 -17.02 -12.15 13.90
CA PRO A 146 -15.57 -12.31 13.78
C PRO A 146 -15.26 -13.68 13.16
N ALA A 147 -14.14 -13.80 12.45
CA ALA A 147 -13.67 -15.05 11.80
C ALA A 147 -12.24 -15.38 12.26
N VAL A 148 -11.80 -16.63 12.06
CA VAL A 148 -10.43 -17.11 12.43
C VAL A 148 -9.57 -16.98 11.16
N PHE A 149 -8.40 -16.35 11.32
CA PHE A 149 -7.42 -16.11 10.24
C PHE A 149 -6.08 -16.73 10.61
N LYS A 150 -5.79 -17.89 10.01
CA LYS A 150 -4.43 -18.43 9.77
C LYS A 150 -3.64 -17.37 8.98
N ALA A 151 -2.53 -16.87 9.53
CA ALA A 151 -1.69 -15.80 8.93
C ALA A 151 -0.26 -16.32 8.72
N THR A 152 0.13 -16.52 7.47
CA THR A 152 1.45 -17.12 7.08
C THR A 152 2.30 -16.06 6.37
N LEU A 153 3.42 -15.67 6.98
CA LEU A 153 4.36 -14.67 6.42
C LEU A 153 5.04 -15.26 5.20
N ASP A 154 4.71 -14.76 4.00
CA ASP A 154 5.54 -14.95 2.78
C ASP A 154 6.68 -13.93 2.86
N ARG A 155 7.93 -14.39 3.01
CA ARG A 155 9.11 -13.53 3.28
C ARG A 155 9.55 -12.84 2.00
N SER A 156 9.32 -13.48 0.84
CA SER A 156 9.84 -13.05 -0.49
C SER A 156 9.38 -11.62 -0.83
N LEU A 157 8.27 -11.18 -0.24
CA LEU A 157 7.68 -9.83 -0.47
C LEU A 157 8.27 -8.80 0.51
N LEU A 158 8.97 -9.28 1.55
CA LEU A 158 9.53 -8.43 2.65
C LEU A 158 11.07 -8.38 2.58
N LYS A 159 11.60 -7.19 2.29
CA LYS A 159 13.04 -6.83 2.35
C LYS A 159 13.29 -5.97 3.59
N THR A 160 14.29 -6.34 4.40
CA THR A 160 14.65 -5.68 5.67
C THR A 160 15.89 -4.81 5.46
N TYR A 161 16.03 -3.76 6.27
CA TYR A 161 17.22 -2.88 6.28
C TYR A 161 18.46 -3.70 5.89
N GLU A 162 18.73 -4.78 6.65
CA GLU A 162 19.88 -5.72 6.48
C GLU A 162 20.00 -6.17 5.02
N GLN A 163 18.89 -6.53 4.38
CA GLN A 163 18.87 -7.12 3.02
C GLN A 163 19.09 -6.03 1.98
N VAL A 164 18.64 -4.82 2.29
CA VAL A 164 18.75 -3.64 1.39
C VAL A 164 20.23 -3.20 1.35
N LEU A 165 20.84 -3.08 2.52
CA LEU A 165 22.29 -2.75 2.67
C LEU A 165 23.17 -3.73 1.90
N GLU A 166 22.86 -5.03 1.97
CA GLU A 166 23.53 -6.08 1.16
C GLU A 166 23.39 -5.75 -0.32
N ASN A 167 22.16 -5.59 -0.79
CA ASN A 167 21.84 -5.24 -2.20
C ASN A 167 22.55 -3.94 -2.60
N LEU A 168 22.94 -3.11 -1.64
CA LEU A 168 23.67 -1.85 -1.93
C LEU A 168 24.94 -2.20 -2.71
N GLU A 169 25.56 -3.33 -2.38
CA GLU A 169 26.80 -3.86 -3.00
C GLU A 169 26.46 -4.92 -4.04
N SER A 170 25.51 -5.80 -3.72
CA SER A 170 25.10 -6.97 -4.52
C SER A 170 24.54 -6.47 -5.86
N LYS A 171 23.66 -5.47 -5.83
CA LYS A 171 23.04 -4.83 -7.01
C LYS A 171 22.09 -5.81 -7.70
N ARG A 172 21.75 -6.92 -7.07
CA ARG A 172 21.02 -8.01 -7.76
C ARG A 172 19.54 -7.62 -7.85
N PHE A 173 19.11 -6.68 -7.03
CA PHE A 173 17.73 -6.12 -6.97
C PHE A 173 17.72 -4.65 -7.42
N GLN A 174 16.79 -4.31 -8.33
CA GLN A 174 16.49 -2.92 -8.74
C GLN A 174 15.73 -2.26 -7.61
N LEU A 175 16.08 -1.01 -7.29
CA LEU A 175 15.57 -0.29 -6.09
C LEU A 175 14.75 0.93 -6.51
N VAL A 176 13.42 0.90 -6.30
CA VAL A 176 12.51 2.01 -6.70
C VAL A 176 12.01 2.77 -5.45
N ASP A 177 12.20 4.11 -5.46
CA ASP A 177 11.64 5.08 -4.47
C ASP A 177 10.38 5.70 -5.06
N SER A 178 9.21 5.33 -4.50
CA SER A 178 7.85 5.74 -4.91
C SER A 178 7.54 7.16 -4.39
N ARG A 179 8.37 7.67 -3.48
CA ARG A 179 8.24 9.04 -2.91
C ARG A 179 8.19 10.06 -4.04
N SER A 180 7.56 11.21 -3.81
CA SER A 180 7.52 12.37 -4.73
C SER A 180 8.94 12.85 -5.00
N GLN A 181 9.25 13.14 -6.26
CA GLN A 181 10.59 13.54 -6.76
C GLN A 181 11.23 14.58 -5.84
N GLY A 182 10.51 15.65 -5.51
CA GLY A 182 11.00 16.75 -4.66
C GLY A 182 11.89 16.22 -3.56
N ARG A 183 11.50 15.09 -2.96
CA ARG A 183 12.09 14.47 -1.74
C ARG A 183 13.11 13.37 -2.09
N PHE A 184 12.89 12.59 -3.16
CA PHE A 184 13.90 11.63 -3.70
C PHE A 184 15.19 12.41 -3.92
N LEU A 185 15.09 13.72 -4.15
CA LEU A 185 16.27 14.54 -4.54
C LEU A 185 16.87 15.21 -3.32
N GLY A 186 16.04 15.66 -2.37
CA GLY A 186 16.49 16.39 -1.17
C GLY A 186 16.10 17.86 -1.21
N THR A 187 15.46 18.29 -2.31
CA THR A 187 14.88 19.64 -2.54
C THR A 187 13.85 20.00 -1.46
N GLU A 188 12.90 19.11 -1.23
CA GLU A 188 11.77 19.25 -0.28
C GLU A 188 12.16 18.67 1.06
N PRO A 189 11.48 19.05 2.17
CA PRO A 189 11.66 18.37 3.46
C PRO A 189 10.79 17.12 3.54
N GLU A 190 11.00 16.37 4.61
CA GLU A 190 10.23 15.15 4.96
C GLU A 190 9.18 15.55 6.00
N PRO A 191 7.88 15.38 5.71
CA PRO A 191 6.83 15.86 6.60
C PRO A 191 6.47 14.90 7.75
N ASP A 192 6.08 15.46 8.90
CA ASP A 192 5.72 14.74 10.16
C ASP A 192 6.96 13.98 10.64
N ALA A 193 8.02 14.71 10.93
CA ALA A 193 9.34 14.14 11.29
C ALA A 193 10.21 15.22 11.94
N VAL A 194 11.18 14.77 12.74
CA VAL A 194 12.12 15.58 13.55
C VAL A 194 13.54 15.17 13.12
N GLY A 195 14.35 16.11 12.64
CA GLY A 195 15.72 15.87 12.15
C GLY A 195 15.82 14.79 11.06
N LEU A 196 14.82 14.72 10.17
CA LEU A 196 14.77 13.73 9.06
C LEU A 196 14.94 14.45 7.71
N ASP A 197 16.18 14.68 7.27
CA ASP A 197 16.52 15.10 5.88
C ASP A 197 15.72 14.31 4.85
N SER A 198 15.47 14.91 3.69
CA SER A 198 15.04 14.22 2.45
C SER A 198 16.30 13.80 1.67
N GLY A 199 16.12 12.89 0.71
CA GLY A 199 17.22 12.24 -0.02
C GLY A 199 16.95 10.77 -0.16
N HIS A 200 17.39 10.16 -1.27
CA HIS A 200 17.14 8.74 -1.59
C HIS A 200 18.42 7.97 -1.33
N ILE A 201 18.29 6.65 -1.36
CA ILE A 201 19.41 5.68 -1.15
C ILE A 201 20.23 5.55 -2.44
N ARG A 202 21.56 5.54 -2.32
CA ARG A 202 22.48 5.31 -3.46
C ARG A 202 21.89 4.20 -4.34
N GLY A 203 21.44 4.53 -5.55
CA GLY A 203 20.99 3.54 -6.55
C GLY A 203 19.49 3.58 -6.78
N ALA A 204 18.72 4.00 -5.78
CA ALA A 204 17.27 4.24 -5.93
C ALA A 204 17.00 4.95 -7.25
N VAL A 205 16.11 4.41 -8.09
CA VAL A 205 15.44 5.17 -9.19
C VAL A 205 14.09 5.66 -8.65
N ASN A 206 13.70 6.89 -8.98
CA ASN A 206 12.48 7.56 -8.46
C ASN A 206 11.33 7.24 -9.41
N MET A 207 10.30 6.54 -8.94
CA MET A 207 9.03 6.38 -9.69
C MET A 207 7.86 6.76 -8.80
N PRO A 208 7.55 8.08 -8.67
CA PRO A 208 6.49 8.55 -7.79
C PRO A 208 5.19 7.81 -8.09
N PHE A 209 4.37 7.58 -7.06
CA PHE A 209 3.18 6.69 -7.11
C PHE A 209 2.03 7.40 -7.83
N MET A 210 1.97 8.73 -7.70
CA MET A 210 1.01 9.64 -8.40
C MET A 210 0.89 9.21 -9.87
N ASP A 211 2.02 8.84 -10.47
CA ASP A 211 2.22 8.64 -11.93
C ASP A 211 1.66 7.28 -12.37
N PHE A 212 1.08 6.48 -11.45
CA PHE A 212 0.43 5.18 -11.76
C PHE A 212 -1.08 5.38 -11.93
N LEU A 213 -1.57 6.62 -11.77
CA LEU A 213 -3.00 6.95 -11.58
C LEU A 213 -3.47 7.98 -12.60
N THR A 214 -4.46 7.64 -13.43
CA THR A 214 -5.05 8.58 -14.41
C THR A 214 -5.57 9.77 -13.63
N GLU A 215 -5.95 10.86 -14.31
CA GLU A 215 -6.57 12.03 -13.64
C GLU A 215 -7.79 11.55 -12.83
N ASP A 216 -8.57 10.61 -13.37
CA ASP A 216 -9.92 10.25 -12.85
C ASP A 216 -9.81 9.45 -11.55
N GLY A 217 -8.61 8.96 -11.20
CA GLY A 217 -8.33 8.25 -9.92
C GLY A 217 -8.01 6.78 -10.14
N PHE A 218 -8.41 6.23 -11.28
CA PHE A 218 -8.18 4.82 -11.67
C PHE A 218 -6.68 4.58 -11.87
N GLU A 219 -6.25 3.31 -11.78
CA GLU A 219 -4.88 2.85 -12.15
C GLU A 219 -4.83 2.88 -13.69
N LYS A 220 -3.64 2.87 -14.30
CA LYS A 220 -3.47 3.01 -15.78
C LYS A 220 -3.48 1.64 -16.50
N GLY A 221 -3.86 1.60 -17.77
CA GLY A 221 -3.69 0.42 -18.65
C GLY A 221 -2.31 -0.18 -18.42
N PRO A 222 -2.14 -1.51 -18.41
CA PRO A 222 -0.82 -2.11 -18.15
C PRO A 222 0.23 -1.71 -19.20
N GLU A 223 -0.23 -1.35 -20.40
CA GLU A 223 0.60 -0.81 -21.52
C GLU A 223 1.24 0.50 -21.05
N GLU A 224 0.44 1.41 -20.48
CA GLU A 224 0.91 2.69 -19.92
C GLU A 224 1.91 2.39 -18.78
N LEU A 225 1.55 1.47 -17.88
CA LEU A 225 2.41 1.01 -16.75
C LEU A 225 3.70 0.42 -17.29
N ARG A 226 3.57 -0.52 -18.23
CA ARG A 226 4.68 -1.29 -18.82
C ARG A 226 5.67 -0.29 -19.45
N ALA A 227 5.17 0.76 -20.12
CA ALA A 227 5.99 1.91 -20.60
C ALA A 227 6.73 2.52 -19.41
N LEU A 228 5.98 3.23 -18.56
CA LEU A 228 6.37 3.89 -17.28
C LEU A 228 7.61 3.23 -16.66
N PHE A 229 7.68 1.89 -16.66
CA PHE A 229 8.78 1.10 -16.05
C PHE A 229 9.96 1.09 -17.00
N GLN A 230 9.80 0.38 -18.14
CA GLN A 230 10.79 0.35 -19.24
C GLN A 230 11.50 1.71 -19.31
N THR A 231 10.69 2.76 -19.45
CA THR A 231 11.13 4.16 -19.64
C THR A 231 12.00 4.60 -18.48
N LYS A 232 11.79 4.03 -17.29
CA LYS A 232 12.63 4.30 -16.10
C LYS A 232 13.83 3.35 -16.06
N LYS A 233 14.20 2.78 -17.20
CA LYS A 233 15.22 1.70 -17.38
C LYS A 233 15.02 0.66 -16.27
N VAL A 234 13.77 0.42 -15.89
CA VAL A 234 13.44 -0.62 -14.87
C VAL A 234 12.83 -1.81 -15.61
N ASP A 235 13.50 -2.96 -15.43
CA ASP A 235 13.27 -4.27 -16.10
C ASP A 235 12.40 -5.13 -15.18
N LEU A 236 11.19 -5.53 -15.62
CA LEU A 236 10.27 -6.41 -14.84
C LEU A 236 10.85 -7.83 -14.72
N SER A 237 11.61 -8.33 -15.72
CA SER A 237 12.34 -9.63 -15.66
C SER A 237 13.21 -9.67 -14.41
N GLN A 238 13.63 -8.52 -13.87
CA GLN A 238 14.74 -8.48 -12.88
C GLN A 238 14.24 -8.08 -11.51
N PRO A 239 14.93 -8.59 -10.46
CA PRO A 239 14.47 -8.50 -9.08
C PRO A 239 14.32 -7.05 -8.60
N LEU A 240 13.22 -6.72 -7.93
CA LEU A 240 12.86 -5.30 -7.73
C LEU A 240 12.31 -5.09 -6.32
N ILE A 241 12.92 -4.15 -5.61
CA ILE A 241 12.44 -3.71 -4.27
C ILE A 241 11.83 -2.33 -4.39
N ALA A 242 10.80 -2.07 -3.58
CA ALA A 242 10.08 -0.79 -3.51
C ALA A 242 10.33 -0.15 -2.14
N THR A 243 10.95 1.04 -2.11
CA THR A 243 11.02 1.89 -0.90
C THR A 243 9.90 2.93 -0.99
N CYS A 244 9.81 3.74 0.05
CA CYS A 244 8.70 4.68 0.29
C CYS A 244 9.31 5.79 1.14
N ARG A 245 8.54 6.31 2.09
CA ARG A 245 9.04 6.89 3.36
C ARG A 245 8.95 5.80 4.43
N LYS A 246 7.81 5.07 4.45
CA LYS A 246 7.35 4.24 5.59
C LYS A 246 6.92 2.84 5.11
N GLY A 247 6.68 2.70 3.80
CA GLY A 247 6.58 1.39 3.13
C GLY A 247 5.15 1.14 2.75
N VAL A 248 4.56 2.08 2.02
CA VAL A 248 3.09 2.20 1.85
C VAL A 248 2.77 2.53 0.40
N THR A 249 3.23 3.68 -0.10
CA THR A 249 3.06 4.10 -1.51
C THR A 249 4.07 3.33 -2.36
N ALA A 250 5.00 2.62 -1.72
CA ALA A 250 5.91 1.63 -2.33
C ALA A 250 5.07 0.49 -2.92
N CYS A 251 4.05 0.05 -2.20
CA CYS A 251 3.10 -1.00 -2.64
C CYS A 251 2.45 -0.60 -3.98
N HIS A 252 2.34 0.70 -4.24
CA HIS A 252 1.76 1.22 -5.51
C HIS A 252 2.54 0.69 -6.70
N VAL A 253 3.86 0.57 -6.54
CA VAL A 253 4.77 0.00 -7.57
C VAL A 253 4.51 -1.50 -7.60
N ALA A 254 4.34 -2.09 -6.42
CA ALA A 254 4.05 -3.53 -6.23
C ALA A 254 2.79 -3.85 -7.06
N LEU A 255 1.70 -3.10 -6.82
CA LEU A 255 0.39 -3.28 -7.51
C LEU A 255 0.63 -3.15 -9.02
N ALA A 256 1.22 -2.03 -9.44
CA ALA A 256 1.66 -1.78 -10.83
C ALA A 256 2.40 -3.03 -11.34
N ALA A 257 3.61 -3.26 -10.82
CA ALA A 257 4.45 -4.42 -11.19
C ALA A 257 3.57 -5.66 -11.33
N TYR A 258 2.77 -5.99 -10.30
CA TYR A 258 1.86 -7.16 -10.26
C TYR A 258 0.96 -7.13 -11.49
N LEU A 259 0.25 -6.02 -11.71
CA LEU A 259 -0.78 -5.91 -12.79
C LEU A 259 -0.08 -6.31 -14.10
N CYS A 260 1.12 -5.78 -14.33
CA CYS A 260 1.96 -5.98 -15.54
C CYS A 260 2.38 -7.45 -15.69
N GLY A 261 2.46 -8.19 -14.57
CA GLY A 261 2.74 -9.64 -14.55
C GLY A 261 3.97 -10.00 -13.72
N LYS A 262 4.38 -9.12 -12.81
CA LYS A 262 5.49 -9.36 -11.84
C LYS A 262 4.93 -9.36 -10.41
N PRO A 263 4.61 -10.55 -9.86
CA PRO A 263 4.12 -10.65 -8.49
C PRO A 263 5.26 -10.89 -7.48
N ASP A 264 6.47 -10.40 -7.75
CA ASP A 264 7.66 -10.65 -6.90
C ASP A 264 8.43 -9.35 -6.67
N VAL A 265 7.69 -8.24 -6.52
CA VAL A 265 8.23 -6.95 -5.97
C VAL A 265 8.11 -7.02 -4.44
N ALA A 266 9.26 -7.07 -3.74
CA ALA A 266 9.33 -7.01 -2.27
C ALA A 266 9.20 -5.54 -1.85
N VAL A 267 9.02 -5.29 -0.56
CA VAL A 267 8.79 -3.91 -0.03
C VAL A 267 9.74 -3.68 1.15
N TYR A 268 10.61 -2.67 1.04
CA TYR A 268 11.39 -2.15 2.19
C TYR A 268 10.44 -1.33 3.07
N ASP A 269 10.02 -1.94 4.19
CA ASP A 269 8.96 -1.45 5.11
C ASP A 269 9.55 -0.40 6.07
N GLY A 270 10.80 -0.61 6.50
CA GLY A 270 11.58 0.46 7.15
C GLY A 270 11.41 1.70 6.31
N SER A 271 11.72 1.53 5.03
CA SER A 271 11.80 2.56 3.97
C SER A 271 12.76 3.64 4.46
N TRP A 272 12.53 4.87 4.02
CA TRP A 272 13.41 6.04 4.29
C TRP A 272 13.51 6.37 5.78
N SER A 273 12.42 6.34 6.56
CA SER A 273 12.48 6.71 8.00
C SER A 273 13.46 5.75 8.69
N GLU A 274 13.35 4.44 8.42
CA GLU A 274 14.28 3.42 8.99
C GLU A 274 15.66 3.64 8.41
N TRP A 275 15.78 3.54 7.09
CA TRP A 275 17.07 3.75 6.40
C TRP A 275 17.75 4.99 6.97
N PHE A 276 17.11 6.16 6.83
CA PHE A 276 17.71 7.45 7.25
C PHE A 276 18.41 7.27 8.60
N ARG A 277 17.68 6.67 9.54
CA ARG A 277 18.02 6.63 10.99
C ARG A 277 19.08 5.55 11.25
N ARG A 278 19.00 4.41 10.56
CA ARG A 278 19.90 3.26 10.81
C ARG A 278 21.18 3.36 9.97
N ALA A 279 21.09 3.84 8.74
CA ALA A 279 22.16 3.69 7.74
C ALA A 279 23.26 4.71 8.02
N PRO A 280 24.52 4.43 7.64
CA PRO A 280 25.54 5.46 7.48
C PRO A 280 25.10 6.53 6.48
N PRO A 281 25.58 7.79 6.61
CA PRO A 281 25.19 8.86 5.68
C PRO A 281 25.64 8.64 4.22
N GLU A 282 26.68 7.83 4.03
CA GLU A 282 27.36 7.59 2.72
C GLU A 282 26.48 6.75 1.78
N SER A 283 25.50 6.02 2.32
CA SER A 283 24.68 5.00 1.59
C SER A 283 23.42 5.66 1.00
N ARG A 284 23.40 6.98 1.01
CA ARG A 284 22.18 7.76 0.73
C ARG A 284 22.64 9.16 0.35
N VAL A 285 21.83 9.83 -0.46
CA VAL A 285 22.24 11.08 -1.14
C VAL A 285 21.06 12.04 -1.10
N SER A 286 21.37 13.32 -1.31
CA SER A 286 20.45 14.48 -1.27
C SER A 286 21.11 15.62 -2.05
N GLN A 287 20.44 16.10 -3.12
CA GLN A 287 20.78 17.42 -3.70
C GLN A 287 20.48 18.47 -2.62
N GLY A 288 21.47 19.33 -2.33
CA GLY A 288 21.62 20.07 -1.07
C GLY A 288 22.72 19.46 -0.19
N LYS A 289 22.43 19.32 1.12
CA LYS A 289 23.34 18.80 2.19
C LYS A 289 24.18 17.61 1.66
N SER A 290 25.52 17.81 1.59
CA SER A 290 26.61 16.78 1.46
C SER A 290 27.93 17.37 1.96
#